data_3OCY
#
_entry.id   3OCY
#
_cell.length_a   97.913
_cell.length_b   97.913
_cell.length_c   106.961
_cell.angle_alpha   90.000
_cell.angle_beta   90.000
_cell.angle_gamma   120.000
#
_symmetry.space_group_name_H-M   'P 65 2 2'
#
loop_
_entity.id
_entity.type
_entity.pdbx_description
1 polymer 'Lipoprotein E'
2 non-polymer 'PHOSPHATE ION'
3 non-polymer 'MAGNESIUM ION'
4 water water
#
_entity_poly.entity_id   1
_entity_poly.type   'polypeptide(L)'
_entity_poly.pdbx_seq_one_letter_code
;MGSHQMKSEEHANMQLQQQAVLGLNWMQDSGEYKALAYQAYNAAKVAFDHAKVAKGKKKAVVADLDETMLDNSPYAGWQV
QNNKPFDGKDWTRWVDARQSRAVPGAVEFNNYVNSHNGKVFYVTNRKDSTEKSGTIDDMKRLGFNGVEESAFYLKKDKSA
KAARFAEIEKQGYEIVLYVGDNLDDFGNTVYGKLNADRRAFVDQNQGKFGKTFIMLPNANYGGWEGGLAEGYFKKDTQGQ
IKARLDAVQAWDGKLEHHHHHH
;
_entity_poly.pdbx_strand_id   A
#
# COMPACT_ATOMS: atom_id res chain seq x y z
N GLU A 9 2.00 18.14 -22.70
CA GLU A 9 2.10 17.43 -23.98
C GLU A 9 1.47 16.04 -23.89
N GLU A 10 0.66 15.70 -24.89
CA GLU A 10 0.01 14.41 -24.94
C GLU A 10 1.03 13.29 -25.12
N HIS A 11 2.05 13.56 -25.92
CA HIS A 11 3.10 12.58 -26.19
C HIS A 11 3.82 12.18 -24.91
N ALA A 12 4.14 13.16 -24.08
CA ALA A 12 4.82 12.91 -22.82
C ALA A 12 3.93 12.12 -21.85
N ASN A 13 2.67 12.50 -21.76
CA ASN A 13 1.72 11.77 -20.90
C ASN A 13 1.62 10.32 -21.34
N MET A 14 1.63 10.10 -22.64
CA MET A 14 1.58 8.75 -23.19
C MET A 14 2.81 7.95 -22.77
N GLN A 15 3.99 8.52 -23.00
CA GLN A 15 5.21 7.81 -22.65
C GLN A 15 5.27 7.48 -21.17
N LEU A 16 4.93 8.44 -20.31
CA LEU A 16 5.00 8.22 -18.87
C LEU A 16 4.11 7.05 -18.47
N GLN A 17 2.89 7.01 -19.00
CA GLN A 17 1.96 5.95 -18.62
C GLN A 17 2.26 4.60 -19.29
N GLN A 18 2.82 4.61 -20.49
CA GLN A 18 3.19 3.36 -21.14
C GLN A 18 4.24 2.62 -20.33
N GLN A 19 5.05 3.36 -19.58
CA GLN A 19 6.12 2.77 -18.79
C GLN A 19 5.61 1.86 -17.68
N ALA A 20 4.31 1.95 -17.39
CA ALA A 20 3.67 1.15 -16.35
C ALA A 20 3.05 -0.15 -16.87
N VAL A 21 3.03 -0.33 -18.19
CA VAL A 21 2.19 -1.38 -18.76
C VAL A 21 2.60 -2.81 -18.34
N LEU A 22 3.88 -3.12 -18.44
CA LEU A 22 4.31 -4.48 -18.17
C LEU A 22 4.10 -4.87 -16.70
N GLY A 23 4.40 -3.95 -15.79
CA GLY A 23 4.18 -4.21 -14.37
C GLY A 23 2.70 -4.34 -14.05
N LEU A 24 1.87 -3.60 -14.78
CA LEU A 24 0.42 -3.71 -14.62
C LEU A 24 -0.09 -5.06 -15.10
N ASN A 25 0.40 -5.53 -16.26
CA ASN A 25 0.08 -6.87 -16.73
C ASN A 25 0.44 -7.90 -15.66
N TRP A 26 1.62 -7.75 -15.08
CA TRP A 26 2.07 -8.67 -14.05
C TRP A 26 1.11 -8.68 -12.84
N MET A 27 0.80 -7.50 -12.33
CA MET A 27 -0.09 -7.41 -11.17
C MET A 27 -1.50 -7.90 -11.47
N GLN A 28 -2.02 -7.57 -12.64
CA GLN A 28 -3.41 -7.90 -12.95
C GLN A 28 -3.63 -9.34 -13.39
N ASP A 29 -2.68 -9.90 -14.14
CA ASP A 29 -2.91 -11.15 -14.88
CA ASP A 29 -2.91 -11.15 -14.84
C ASP A 29 -2.13 -12.34 -14.30
N SER A 30 -0.98 -12.09 -13.68
CA SER A 30 -0.10 -13.23 -13.33
C SER A 30 -0.57 -14.04 -12.13
N GLY A 31 -0.34 -15.36 -12.20
CA GLY A 31 -0.48 -16.17 -11.01
C GLY A 31 0.61 -15.84 -10.00
N GLU A 32 1.78 -15.42 -10.48
CA GLU A 32 2.90 -15.08 -9.61
C GLU A 32 2.54 -13.99 -8.61
N TYR A 33 1.83 -12.96 -9.08
CA TYR A 33 1.39 -11.90 -8.17
C TYR A 33 0.47 -12.50 -7.08
N LYS A 34 -0.49 -13.33 -7.48
CA LYS A 34 -1.39 -13.95 -6.50
C LYS A 34 -0.60 -14.75 -5.47
N ALA A 35 0.42 -15.48 -5.94
CA ALA A 35 1.22 -16.33 -5.07
C ALA A 35 1.98 -15.49 -4.04
N LEU A 36 2.48 -14.32 -4.46
CA LEU A 36 3.13 -13.40 -3.54
C LEU A 36 2.15 -12.86 -2.49
N ALA A 37 0.92 -12.59 -2.89
CA ALA A 37 -0.09 -12.12 -1.96
C ALA A 37 -0.41 -13.21 -0.93
N TYR A 38 -0.64 -14.44 -1.40
CA TYR A 38 -0.88 -15.55 -0.50
C TYR A 38 0.33 -15.78 0.43
N GLN A 39 1.54 -15.67 -0.12
CA GLN A 39 2.74 -15.83 0.71
C GLN A 39 2.76 -14.82 1.85
N ALA A 40 2.45 -13.57 1.53
CA ALA A 40 2.43 -12.52 2.55
C ALA A 40 1.40 -12.83 3.63
N TYR A 41 0.18 -13.15 3.22
CA TYR A 41 -0.89 -13.36 4.20
C TYR A 41 -0.72 -14.66 4.98
N ASN A 42 -0.11 -15.67 4.36
CA ASN A 42 0.22 -16.89 5.11
C ASN A 42 1.26 -16.57 6.19
N ALA A 43 2.29 -15.80 5.84
CA ALA A 43 3.29 -15.39 6.83
C ALA A 43 2.67 -14.51 7.91
N ALA A 44 1.75 -13.64 7.52
CA ALA A 44 1.10 -12.75 8.47
C ALA A 44 0.32 -13.54 9.53
N LYS A 45 -0.38 -14.59 9.11
CA LYS A 45 -1.13 -15.39 10.06
CA LYS A 45 -1.14 -15.39 10.06
C LYS A 45 -0.20 -16.05 11.08
N VAL A 46 0.92 -16.59 10.60
CA VAL A 46 1.89 -17.20 11.50
C VAL A 46 2.39 -16.19 12.53
N ALA A 47 2.74 -14.99 12.06
CA ALA A 47 3.21 -13.95 12.97
C ALA A 47 2.14 -13.54 13.98
N PHE A 48 0.90 -13.40 13.52
CA PHE A 48 -0.18 -13.03 14.42
C PHE A 48 -0.37 -14.08 15.51
N ASP A 49 -0.39 -15.34 15.11
CA ASP A 49 -0.60 -16.43 16.05
C ASP A 49 0.52 -16.52 17.09
N HIS A 50 1.75 -16.19 16.67
CA HIS A 50 2.90 -16.27 17.58
C HIS A 50 2.99 -15.06 18.52
N ALA A 51 2.33 -13.96 18.16
CA ALA A 51 2.51 -12.70 18.87
C ALA A 51 1.99 -12.75 20.29
N LYS A 52 2.77 -12.17 21.19
CA LYS A 52 2.37 -11.95 22.57
C LYS A 52 2.51 -10.47 22.88
N VAL A 53 1.58 -9.94 23.66
CA VAL A 53 1.62 -8.52 23.99
C VAL A 53 1.79 -8.31 25.49
N ALA A 54 2.13 -7.09 25.86
CA ALA A 54 2.29 -6.73 27.25
C ALA A 54 0.99 -6.92 28.01
N LYS A 55 1.10 -7.27 29.29
CA LYS A 55 -0.07 -7.44 30.14
C LYS A 55 -0.97 -6.22 30.04
N GLY A 56 -2.26 -6.45 29.88
CA GLY A 56 -3.21 -5.37 29.84
C GLY A 56 -3.43 -4.75 28.46
N LYS A 57 -2.62 -5.15 27.48
CA LYS A 57 -2.79 -4.65 26.11
C LYS A 57 -3.71 -5.55 25.30
N LYS A 58 -4.39 -4.95 24.32
CA LYS A 58 -5.11 -5.70 23.31
C LYS A 58 -4.24 -5.85 22.06
N LYS A 59 -4.40 -6.96 21.33
CA LYS A 59 -3.61 -7.20 20.13
C LYS A 59 -4.18 -6.46 18.93
N ALA A 60 -3.37 -5.62 18.31
CA ALA A 60 -3.76 -4.94 17.07
C ALA A 60 -2.88 -5.36 15.91
N VAL A 61 -3.48 -5.39 14.73
CA VAL A 61 -2.74 -5.51 13.48
C VAL A 61 -3.01 -4.22 12.73
N VAL A 62 -1.96 -3.58 12.23
CA VAL A 62 -2.15 -2.42 11.37
C VAL A 62 -2.04 -2.86 9.92
N ALA A 63 -3.05 -2.51 9.14
CA ALA A 63 -3.05 -2.84 7.72
C ALA A 63 -3.22 -1.59 6.88
N ASP A 64 -2.35 -1.46 5.88
CA ASP A 64 -2.57 -0.54 4.78
C ASP A 64 -3.75 -1.02 3.94
N LEU A 65 -4.40 -0.11 3.21
CA LEU A 65 -5.45 -0.53 2.27
C LEU A 65 -4.96 -0.65 0.82
N ASP A 66 -4.61 0.47 0.20
CA ASP A 66 -4.39 0.45 -1.26
C ASP A 66 -3.17 -0.39 -1.66
N GLU A 67 -3.42 -1.41 -2.47
CA GLU A 67 -2.39 -2.33 -2.94
C GLU A 67 -1.83 -3.22 -1.83
N THR A 68 -2.55 -3.26 -0.71
CA THR A 68 -2.26 -4.20 0.38
C THR A 68 -3.48 -5.09 0.66
N MET A 69 -4.61 -4.46 0.97
CA MET A 69 -5.88 -5.19 1.12
C MET A 69 -6.85 -4.91 -0.03
N LEU A 70 -6.76 -3.71 -0.60
CA LEU A 70 -7.62 -3.34 -1.74
C LEU A 70 -6.80 -3.28 -3.02
N ASP A 71 -7.40 -3.78 -4.10
CA ASP A 71 -6.79 -3.82 -5.42
C ASP A 71 -7.43 -2.74 -6.29
N ASN A 72 -6.63 -1.74 -6.62
CA ASN A 72 -7.07 -0.59 -7.43
C ASN A 72 -6.52 -0.65 -8.85
N SER A 73 -6.10 -1.83 -9.30
CA SER A 73 -5.48 -1.93 -10.61
C SER A 73 -6.32 -1.35 -11.77
N PRO A 74 -7.67 -1.43 -11.69
CA PRO A 74 -8.42 -0.84 -12.81
C PRO A 74 -8.21 0.66 -12.95
N TYR A 75 -7.93 1.36 -11.85
CA TYR A 75 -7.59 2.78 -11.96
C TYR A 75 -6.29 2.94 -12.77
N ALA A 76 -5.27 2.14 -12.47
CA ALA A 76 -4.04 2.16 -13.25
C ALA A 76 -4.30 1.83 -14.73
N GLY A 77 -5.19 0.88 -14.98
CA GLY A 77 -5.57 0.54 -16.34
C GLY A 77 -6.18 1.73 -17.06
N TRP A 78 -7.05 2.46 -16.37
CA TRP A 78 -7.64 3.68 -16.90
C TRP A 78 -6.56 4.73 -17.21
N GLN A 79 -5.57 4.85 -16.33
CA GLN A 79 -4.46 5.78 -16.57
C GLN A 79 -3.73 5.43 -17.86
N VAL A 80 -3.45 4.14 -18.04
CA VAL A 80 -2.76 3.69 -19.24
C VAL A 80 -3.58 4.00 -20.49
N GLN A 81 -4.87 3.68 -20.43
CA GLN A 81 -5.71 3.82 -21.61
C GLN A 81 -5.96 5.28 -21.99
N ASN A 82 -5.91 6.16 -21.00
CA ASN A 82 -6.23 7.57 -21.22
C ASN A 82 -5.03 8.50 -21.09
N ASN A 83 -3.84 7.91 -20.98
CA ASN A 83 -2.62 8.68 -20.85
C ASN A 83 -2.70 9.71 -19.73
N LYS A 84 -3.16 9.25 -18.56
CA LYS A 84 -3.42 10.12 -17.43
C LYS A 84 -2.45 9.88 -16.28
N PRO A 85 -1.59 10.86 -16.00
CA PRO A 85 -0.75 10.76 -14.81
C PRO A 85 -1.63 10.84 -13.56
N PHE A 86 -1.11 10.41 -12.41
CA PHE A 86 -1.91 10.42 -11.20
C PHE A 86 -2.44 11.81 -10.90
N ASP A 87 -3.72 11.88 -10.54
CA ASP A 87 -4.36 13.13 -10.12
C ASP A 87 -5.32 12.77 -9.01
N GLY A 88 -5.16 13.39 -7.86
CA GLY A 88 -6.03 13.12 -6.73
C GLY A 88 -7.52 13.28 -7.04
N LYS A 89 -7.85 14.16 -7.98
CA LYS A 89 -9.25 14.37 -8.32
C LYS A 89 -9.83 13.17 -9.05
N ASP A 90 -9.03 12.54 -9.91
CA ASP A 90 -9.45 11.31 -10.58
C ASP A 90 -9.54 10.17 -9.59
N TRP A 91 -8.57 10.12 -8.67
CA TRP A 91 -8.58 9.10 -7.63
C TRP A 91 -9.85 9.12 -6.81
N THR A 92 -10.29 10.32 -6.40
CA THR A 92 -11.52 10.44 -5.63
C THR A 92 -12.71 9.89 -6.40
N ARG A 93 -12.76 10.14 -7.70
CA ARG A 93 -13.83 9.57 -8.53
C ARG A 93 -13.73 8.05 -8.59
N TRP A 94 -12.51 7.52 -8.73
CA TRP A 94 -12.32 6.07 -8.69
C TRP A 94 -12.86 5.47 -7.39
N VAL A 95 -12.51 6.06 -6.25
CA VAL A 95 -12.99 5.55 -4.97
C VAL A 95 -14.53 5.57 -4.95
N ASP A 96 -15.12 6.65 -5.44
CA ASP A 96 -16.58 6.82 -5.44
C ASP A 96 -17.24 5.82 -6.38
N ALA A 97 -16.50 5.32 -7.37
CA ALA A 97 -17.04 4.36 -8.33
C ALA A 97 -17.35 3.01 -7.69
N ARG A 98 -16.75 2.75 -6.52
CA ARG A 98 -17.05 1.54 -5.75
C ARG A 98 -16.83 0.28 -6.58
N GLN A 99 -15.63 0.18 -7.13
CA GLN A 99 -15.24 -0.96 -7.95
C GLN A 99 -13.93 -1.57 -7.46
N SER A 100 -13.51 -1.23 -6.25
CA SER A 100 -12.27 -1.80 -5.72
C SER A 100 -12.42 -3.31 -5.58
N ARG A 101 -11.31 -4.02 -5.75
CA ARG A 101 -11.29 -5.46 -5.57
C ARG A 101 -10.47 -5.75 -4.30
N ALA A 102 -10.47 -7.01 -3.87
CA ALA A 102 -9.65 -7.40 -2.72
C ALA A 102 -8.36 -8.06 -3.17
N VAL A 103 -7.27 -7.73 -2.48
CA VAL A 103 -6.00 -8.43 -2.70
C VAL A 103 -6.16 -9.88 -2.21
N PRO A 104 -5.64 -10.85 -2.98
CA PRO A 104 -5.83 -12.25 -2.57
C PRO A 104 -5.31 -12.53 -1.16
N GLY A 105 -6.10 -13.25 -0.37
CA GLY A 105 -5.73 -13.62 0.98
C GLY A 105 -6.06 -12.57 2.04
N ALA A 106 -6.32 -11.33 1.64
CA ALA A 106 -6.51 -10.24 2.60
C ALA A 106 -7.76 -10.38 3.45
N VAL A 107 -8.89 -10.69 2.82
CA VAL A 107 -10.14 -10.79 3.56
C VAL A 107 -10.05 -11.91 4.60
N GLU A 108 -9.52 -13.07 4.18
CA GLU A 108 -9.39 -14.21 5.09
C GLU A 108 -8.50 -13.87 6.28
N PHE A 109 -7.37 -13.24 6.02
CA PHE A 109 -6.48 -12.85 7.11
C PHE A 109 -7.16 -11.84 8.03
N ASN A 110 -7.75 -10.81 7.44
CA ASN A 110 -8.46 -9.79 8.20
C ASN A 110 -9.49 -10.41 9.13
N ASN A 111 -10.32 -11.29 8.59
CA ASN A 111 -11.43 -11.83 9.36
C ASN A 111 -10.92 -12.82 10.42
N TYR A 112 -9.83 -13.52 10.10
CA TYR A 112 -9.20 -14.40 11.07
C TYR A 112 -8.68 -13.61 12.27
N VAL A 113 -7.93 -12.54 12.02
CA VAL A 113 -7.43 -11.72 13.12
C VAL A 113 -8.60 -11.26 14.00
N ASN A 114 -9.64 -10.74 13.36
CA ASN A 114 -10.75 -10.14 14.10
C ASN A 114 -11.57 -11.17 14.89
N SER A 115 -11.46 -12.45 14.53
CA SER A 115 -12.17 -13.51 15.25
C SER A 115 -11.25 -14.29 16.19
N HIS A 116 -9.99 -13.88 16.28
CA HIS A 116 -9.03 -14.56 17.15
C HIS A 116 -8.30 -13.62 18.09
N ASN A 117 -9.09 -12.81 18.78
CA ASN A 117 -8.61 -11.94 19.84
C ASN A 117 -7.69 -10.82 19.36
N GLY A 118 -7.87 -10.42 18.10
CA GLY A 118 -7.14 -9.29 17.56
C GLY A 118 -8.10 -8.27 16.97
N LYS A 119 -7.56 -7.13 16.57
CA LYS A 119 -8.31 -6.14 15.82
C LYS A 119 -7.42 -5.56 14.73
N VAL A 120 -7.91 -5.60 13.49
CA VAL A 120 -7.24 -4.92 12.39
C VAL A 120 -7.69 -3.46 12.33
N PHE A 121 -6.72 -2.55 12.29
CA PHE A 121 -6.99 -1.14 12.05
C PHE A 121 -6.46 -0.77 10.68
N TYR A 122 -7.25 -0.04 9.91
CA TYR A 122 -6.91 0.33 8.54
C TYR A 122 -6.32 1.71 8.55
N VAL A 123 -5.00 1.80 8.36
CA VAL A 123 -4.32 3.08 8.32
C VAL A 123 -3.96 3.33 6.87
N THR A 124 -4.64 4.31 6.28
CA THR A 124 -4.69 4.44 4.84
C THR A 124 -4.72 5.89 4.43
N ASN A 125 -4.12 6.19 3.29
CA ASN A 125 -4.18 7.55 2.77
C ASN A 125 -5.31 7.84 1.79
N ARG A 126 -6.26 6.92 1.67
CA ARG A 126 -7.58 7.33 1.22
C ARG A 126 -8.06 8.42 2.17
N LYS A 127 -8.81 9.38 1.65
CA LYS A 127 -9.12 10.59 2.40
C LYS A 127 -10.36 10.43 3.29
N ASP A 128 -10.21 10.79 4.56
CA ASP A 128 -11.32 10.68 5.50
C ASP A 128 -12.56 11.44 5.04
N SER A 129 -12.36 12.63 4.49
CA SER A 129 -13.49 13.52 4.22
C SER A 129 -14.25 13.22 2.93
N THR A 130 -13.56 12.68 1.93
CA THR A 130 -14.18 12.52 0.61
C THR A 130 -14.17 11.09 0.09
N GLU A 131 -13.40 10.21 0.73
CA GLU A 131 -13.18 8.86 0.19
C GLU A 131 -13.59 7.75 1.17
N LYS A 132 -14.10 8.14 2.32
CA LYS A 132 -14.49 7.16 3.33
C LYS A 132 -15.70 6.31 2.94
N SER A 133 -16.75 6.93 2.42
CA SER A 133 -17.98 6.20 2.14
CA SER A 133 -17.99 6.23 2.10
C SER A 133 -17.76 5.08 1.11
N GLY A 134 -17.03 5.37 0.04
CA GLY A 134 -16.76 4.35 -0.96
C GLY A 134 -15.89 3.23 -0.42
N THR A 135 -14.91 3.60 0.39
CA THR A 135 -13.99 2.64 0.97
C THR A 135 -14.75 1.64 1.83
N ILE A 136 -15.59 2.16 2.72
CA ILE A 136 -16.35 1.30 3.62
C ILE A 136 -17.35 0.43 2.86
N ASP A 137 -18.04 1.03 1.89
CA ASP A 137 -18.98 0.25 1.09
C ASP A 137 -18.29 -0.89 0.33
N ASP A 138 -17.18 -0.58 -0.31
CA ASP A 138 -16.42 -1.62 -1.03
C ASP A 138 -15.95 -2.72 -0.09
N MET A 139 -15.41 -2.35 1.07
CA MET A 139 -14.90 -3.34 2.03
CA MET A 139 -14.92 -3.37 1.98
C MET A 139 -16.02 -4.27 2.53
N LYS A 140 -17.19 -3.69 2.81
CA LYS A 140 -18.33 -4.51 3.21
C LYS A 140 -18.69 -5.48 2.09
N ARG A 141 -18.78 -4.97 0.87
CA ARG A 141 -19.14 -5.77 -0.28
C ARG A 141 -18.13 -6.90 -0.52
N LEU A 142 -16.85 -6.61 -0.29
CA LEU A 142 -15.79 -7.56 -0.55
C LEU A 142 -15.67 -8.64 0.53
N GLY A 143 -16.40 -8.48 1.63
CA GLY A 143 -16.47 -9.51 2.66
C GLY A 143 -15.63 -9.27 3.90
N PHE A 144 -15.01 -8.11 4.02
CA PHE A 144 -14.24 -7.79 5.22
C PHE A 144 -15.17 -7.64 6.43
N ASN A 145 -14.82 -8.29 7.54
CA ASN A 145 -15.48 -8.07 8.82
C ASN A 145 -14.78 -6.95 9.57
N GLY A 146 -15.49 -6.30 10.49
CA GLY A 146 -14.86 -5.30 11.33
C GLY A 146 -14.61 -3.98 10.65
N VAL A 147 -15.49 -3.60 9.73
CA VAL A 147 -15.30 -2.34 9.00
C VAL A 147 -16.24 -1.24 9.47
N GLU A 148 -16.51 -1.24 10.77
CA GLU A 148 -17.15 -0.09 11.39
C GLU A 148 -16.21 1.12 11.27
N GLU A 149 -16.76 2.33 11.32
CA GLU A 149 -15.95 3.51 11.05
C GLU A 149 -14.74 3.66 11.97
N SER A 150 -14.91 3.26 13.22
CA SER A 150 -13.83 3.42 14.20
C SER A 150 -12.61 2.51 13.94
N ALA A 151 -12.73 1.57 13.00
CA ALA A 151 -11.60 0.72 12.64
C ALA A 151 -10.66 1.45 11.68
N PHE A 152 -11.12 2.56 11.13
CA PHE A 152 -10.39 3.28 10.08
C PHE A 152 -9.66 4.50 10.60
N TYR A 153 -8.43 4.64 10.15
CA TYR A 153 -7.65 5.86 10.34
C TYR A 153 -7.27 6.38 8.96
N LEU A 154 -8.25 6.98 8.28
CA LEU A 154 -8.05 7.57 6.96
C LEU A 154 -7.31 8.90 7.07
N LYS A 155 -6.77 9.36 5.94
CA LYS A 155 -5.96 10.56 5.94
C LYS A 155 -6.78 11.80 6.26
N LYS A 156 -6.26 12.58 7.19
CA LYS A 156 -6.83 13.89 7.46
C LYS A 156 -5.83 14.95 6.98
N ASP A 157 -4.88 15.32 7.82
CA ASP A 157 -3.94 16.40 7.48
C ASP A 157 -2.55 15.92 7.05
N LYS A 158 -2.18 14.71 7.45
CA LYS A 158 -0.82 14.23 7.21
C LYS A 158 -0.80 12.89 6.47
N SER A 159 0.06 12.77 5.46
CA SER A 159 0.23 11.50 4.75
C SER A 159 1.12 10.52 5.52
N ALA A 160 2.07 11.04 6.31
CA ALA A 160 2.90 10.17 7.13
C ALA A 160 2.01 9.49 8.17
N LYS A 161 2.27 8.22 8.46
CA LYS A 161 1.33 7.39 9.21
C LYS A 161 1.66 7.18 10.69
N ALA A 162 2.86 7.54 11.11
CA ALA A 162 3.29 7.22 12.47
C ALA A 162 2.35 7.78 13.54
N ALA A 163 1.81 8.98 13.32
CA ALA A 163 0.94 9.59 14.31
C ALA A 163 -0.34 8.77 14.50
N ARG A 164 -0.85 8.22 13.42
CA ARG A 164 -2.03 7.36 13.51
C ARG A 164 -1.71 6.04 14.21
N PHE A 165 -0.52 5.50 13.99
CA PHE A 165 -0.11 4.29 14.73
C PHE A 165 -0.12 4.62 16.22
N ALA A 166 0.40 5.79 16.58
CA ALA A 166 0.44 6.19 17.98
C ALA A 166 -0.96 6.36 18.57
N GLU A 167 -1.91 6.82 17.76
CA GLU A 167 -3.30 6.95 18.22
C GLU A 167 -3.86 5.60 18.62
N ILE A 168 -3.59 4.59 17.80
CA ILE A 168 -4.03 3.24 18.06
C ILE A 168 -3.45 2.71 19.38
N GLU A 169 -2.15 2.93 19.57
CA GLU A 169 -1.49 2.52 20.81
C GLU A 169 -2.09 3.21 22.05
N LYS A 170 -2.51 4.47 21.88
CA LYS A 170 -3.07 5.24 22.98
C LYS A 170 -4.43 4.69 23.40
N GLN A 171 -5.06 3.92 22.51
CA GLN A 171 -6.35 3.32 22.80
C GLN A 171 -6.22 1.96 23.48
N GLY A 172 -5.00 1.62 23.89
CA GLY A 172 -4.77 0.42 24.68
C GLY A 172 -4.35 -0.80 23.88
N TYR A 173 -3.95 -0.57 22.64
CA TYR A 173 -3.50 -1.66 21.77
C TYR A 173 -1.99 -1.73 21.70
N GLU A 174 -1.48 -2.95 21.56
CA GLU A 174 -0.10 -3.14 21.14
C GLU A 174 -0.15 -3.68 19.73
N ILE A 175 0.53 -3.00 18.82
CA ILE A 175 0.55 -3.40 17.41
C ILE A 175 1.54 -4.56 17.23
N VAL A 176 1.03 -5.72 16.83
CA VAL A 176 1.88 -6.92 16.77
C VAL A 176 2.54 -7.09 15.40
N LEU A 177 1.94 -6.51 14.38
CA LEU A 177 2.53 -6.54 13.04
C LEU A 177 1.85 -5.50 12.17
N TYR A 178 2.55 -5.14 11.09
CA TYR A 178 2.10 -4.16 10.11
C TYR A 178 2.09 -4.84 8.75
N VAL A 179 1.07 -4.54 7.94
CA VAL A 179 0.99 -5.05 6.59
C VAL A 179 0.96 -3.87 5.63
N GLY A 180 1.76 -3.92 4.58
CA GLY A 180 1.79 -2.81 3.64
C GLY A 180 2.50 -3.13 2.33
N ASP A 181 2.38 -2.20 1.37
CA ASP A 181 3.10 -2.31 0.10
C ASP A 181 4.15 -1.21 -0.05
N ASN A 182 4.21 -0.32 0.94
CA ASN A 182 5.04 0.89 0.91
C ASN A 182 5.80 0.92 2.24
N LEU A 183 7.11 1.16 2.22
CA LEU A 183 7.85 1.22 3.47
C LEU A 183 7.28 2.25 4.45
N ASP A 184 6.59 3.27 3.93
CA ASP A 184 5.98 4.28 4.79
C ASP A 184 4.78 3.72 5.57
N ASP A 185 4.42 2.48 5.27
CA ASP A 185 3.38 1.79 6.02
C ASP A 185 3.92 1.17 7.31
N PHE A 186 5.23 1.32 7.53
CA PHE A 186 5.88 0.75 8.71
C PHE A 186 6.38 1.80 9.70
N GLY A 187 6.21 3.07 9.37
CA GLY A 187 6.72 4.15 10.20
C GLY A 187 7.10 5.35 9.36
N ASN A 188 7.72 6.35 9.98
CA ASN A 188 8.03 7.61 9.30
C ASN A 188 9.52 7.79 8.97
N THR A 189 10.35 6.83 9.30
CA THR A 189 11.78 7.16 9.26
C THR A 189 12.34 7.39 7.87
N VAL A 190 11.68 6.89 6.83
CA VAL A 190 12.12 7.18 5.46
C VAL A 190 11.05 7.87 4.64
N TYR A 191 10.08 8.46 5.33
CA TYR A 191 9.03 9.20 4.66
C TYR A 191 9.62 10.43 3.96
N GLY A 192 9.34 10.56 2.66
CA GLY A 192 9.84 11.67 1.87
C GLY A 192 11.30 11.55 1.49
N LYS A 193 11.92 10.42 1.80
CA LYS A 193 13.34 10.22 1.52
C LYS A 193 13.57 9.52 0.18
N LEU A 194 14.79 9.63 -0.34
CA LEU A 194 15.12 8.99 -1.61
C LEU A 194 15.42 7.51 -1.42
N ASN A 195 15.52 6.79 -2.54
CA ASN A 195 15.58 5.35 -2.45
C ASN A 195 16.82 4.78 -1.76
N ALA A 196 17.95 5.47 -1.80
CA ALA A 196 19.13 4.97 -1.08
C ALA A 196 18.82 4.85 0.42
N ASP A 197 18.21 5.88 1.00
CA ASP A 197 17.84 5.84 2.41
C ASP A 197 16.78 4.76 2.69
N ARG A 198 15.87 4.58 1.74
CA ARG A 198 14.81 3.58 1.89
C ARG A 198 15.36 2.15 1.85
N ARG A 199 16.28 1.88 0.93
CA ARG A 199 16.97 0.58 0.92
C ARG A 199 17.75 0.37 2.22
N ALA A 200 18.39 1.42 2.71
CA ALA A 200 19.14 1.32 3.97
C ALA A 200 18.24 0.93 5.14
N PHE A 201 17.05 1.54 5.21
CA PHE A 201 16.08 1.17 6.24
C PHE A 201 15.72 -0.32 6.16
N VAL A 202 15.50 -0.81 4.96
CA VAL A 202 15.17 -2.22 4.80
C VAL A 202 16.33 -3.10 5.27
N ASP A 203 17.56 -2.78 4.90
CA ASP A 203 18.71 -3.54 5.35
C ASP A 203 18.81 -3.55 6.87
N GLN A 204 18.51 -2.41 7.50
CA GLN A 204 18.60 -2.28 8.94
C GLN A 204 17.49 -3.05 9.67
N ASN A 205 16.50 -3.50 8.92
CA ASN A 205 15.37 -4.23 9.48
C ASN A 205 15.17 -5.59 8.80
N GLN A 206 16.25 -6.13 8.25
CA GLN A 206 16.16 -7.33 7.41
C GLN A 206 15.34 -8.46 8.02
N GLY A 207 15.55 -8.70 9.32
CA GLY A 207 14.91 -9.81 9.99
C GLY A 207 13.43 -9.64 10.25
N LYS A 208 12.93 -8.41 10.14
CA LYS A 208 11.52 -8.16 10.44
C LYS A 208 10.59 -8.53 9.30
N PHE A 209 11.11 -8.57 8.08
CA PHE A 209 10.24 -8.81 6.92
C PHE A 209 9.73 -10.24 6.86
N GLY A 210 8.43 -10.37 6.69
CA GLY A 210 7.78 -11.66 6.75
C GLY A 210 7.49 -12.09 8.17
N LYS A 211 7.80 -11.22 9.13
CA LYS A 211 7.52 -11.48 10.54
C LYS A 211 6.62 -10.34 11.03
N THR A 212 7.21 -9.24 11.48
CA THR A 212 6.43 -8.10 11.98
C THR A 212 6.16 -7.01 10.94
N PHE A 213 6.92 -6.99 9.85
CA PHE A 213 6.61 -6.14 8.69
C PHE A 213 6.26 -7.06 7.53
N ILE A 214 5.01 -7.06 7.10
CA ILE A 214 4.54 -7.94 6.04
C ILE A 214 4.40 -7.13 4.75
N MET A 215 5.09 -7.55 3.70
CA MET A 215 5.11 -6.84 2.42
C MET A 215 4.23 -7.43 1.33
N LEU A 216 3.49 -6.55 0.64
CA LEU A 216 2.81 -6.89 -0.60
C LEU A 216 3.51 -6.19 -1.76
N PRO A 217 3.50 -6.80 -2.96
CA PRO A 217 4.22 -6.21 -4.09
C PRO A 217 3.42 -5.15 -4.85
N ASN A 218 4.08 -4.04 -5.17
CA ASN A 218 3.43 -2.99 -5.94
C ASN A 218 4.45 -2.33 -6.86
N ALA A 219 4.44 -2.75 -8.12
CA ALA A 219 5.37 -2.25 -9.13
C ALA A 219 4.85 -1.01 -9.87
N ASN A 220 3.69 -0.52 -9.46
CA ASN A 220 2.99 0.53 -10.21
C ASN A 220 3.18 1.95 -9.64
N TYR A 221 3.26 2.08 -8.33
CA TYR A 221 3.40 3.40 -7.72
C TYR A 221 3.87 3.24 -6.28
N GLY A 222 4.23 4.35 -5.64
CA GLY A 222 4.56 4.35 -4.24
C GLY A 222 5.64 5.34 -3.85
N GLY A 223 6.06 5.27 -2.59
CA GLY A 223 7.15 6.10 -2.09
C GLY A 223 8.44 5.87 -2.85
N TRP A 224 8.61 4.68 -3.44
CA TRP A 224 9.79 4.41 -4.25
C TRP A 224 9.80 5.20 -5.56
N GLU A 225 8.63 5.63 -6.04
CA GLU A 225 8.60 6.42 -7.26
C GLU A 225 9.13 7.82 -6.99
N GLY A 226 8.60 8.46 -5.96
CA GLY A 226 9.14 9.73 -5.52
C GLY A 226 10.61 9.59 -5.15
N GLY A 227 10.96 8.41 -4.66
CA GLY A 227 12.33 8.13 -4.24
C GLY A 227 13.35 8.09 -5.37
N LEU A 228 12.87 8.14 -6.61
CA LEU A 228 13.76 8.08 -7.78
C LEU A 228 14.61 9.34 -7.97
N ALA A 229 14.16 10.47 -7.43
CA ALA A 229 14.86 11.73 -7.64
C ALA A 229 14.37 12.80 -6.69
N GLU A 230 15.28 13.68 -6.28
CA GLU A 230 14.91 14.82 -5.44
C GLU A 230 13.82 15.63 -6.13
N GLY A 231 12.73 15.90 -5.41
CA GLY A 231 11.65 16.72 -5.93
C GLY A 231 10.90 16.10 -7.10
N TYR A 232 10.88 14.78 -7.17
CA TYR A 232 10.26 14.06 -8.28
C TYR A 232 8.81 14.46 -8.52
N PHE A 233 8.01 14.46 -7.47
CA PHE A 233 6.57 14.68 -7.59
C PHE A 233 6.23 16.10 -8.00
N LYS A 234 7.21 17.00 -7.96
CA LYS A 234 6.99 18.39 -8.39
C LYS A 234 7.51 18.63 -9.82
N LYS A 235 8.22 17.66 -10.38
CA LYS A 235 8.69 17.77 -11.75
C LYS A 235 7.53 17.67 -12.72
N ASP A 236 7.68 18.23 -13.93
CA ASP A 236 6.67 18.02 -14.96
C ASP A 236 6.81 16.62 -15.56
N THR A 237 5.93 16.28 -16.49
CA THR A 237 5.91 14.92 -17.05
C THR A 237 7.24 14.55 -17.69
N GLN A 238 7.81 15.47 -18.45
CA GLN A 238 9.10 15.22 -19.10
C GLN A 238 10.17 14.97 -18.05
N GLY A 239 10.11 15.72 -16.96
CA GLY A 239 11.06 15.56 -15.87
C GLY A 239 10.95 14.21 -15.18
N GLN A 240 9.73 13.73 -15.01
CA GLN A 240 9.51 12.43 -14.38
C GLN A 240 9.98 11.30 -15.29
N ILE A 241 9.72 11.43 -16.59
CA ILE A 241 10.22 10.46 -17.55
C ILE A 241 11.75 10.38 -17.48
N LYS A 242 12.40 11.54 -17.47
CA LYS A 242 13.85 11.61 -17.42
C LYS A 242 14.38 11.00 -16.12
N ALA A 243 13.71 11.28 -15.01
CA ALA A 243 14.11 10.73 -13.70
C ALA A 243 14.05 9.21 -13.70
N ARG A 244 13.00 8.64 -14.29
CA ARG A 244 12.88 7.20 -14.39
C ARG A 244 13.99 6.62 -15.26
N LEU A 245 14.20 7.20 -16.43
CA LEU A 245 15.21 6.67 -17.34
C LEU A 245 16.62 6.84 -16.79
N ASP A 246 16.87 7.94 -16.09
CA ASP A 246 18.19 8.18 -15.50
C ASP A 246 18.48 7.22 -14.33
N ALA A 247 17.43 6.67 -13.73
CA ALA A 247 17.60 5.76 -12.59
C ALA A 247 17.96 4.36 -13.05
N VAL A 248 17.70 4.07 -14.32
CA VAL A 248 17.98 2.74 -14.86
C VAL A 248 19.46 2.39 -14.78
N GLN A 249 19.76 1.21 -14.23
CA GLN A 249 21.11 0.68 -14.24
C GLN A 249 21.24 -0.31 -15.39
N ALA A 250 22.12 -0.02 -16.34
CA ALA A 250 22.22 -0.83 -17.54
C ALA A 250 23.61 -1.42 -17.75
N TRP A 251 23.62 -2.70 -18.12
CA TRP A 251 24.80 -3.35 -18.67
C TRP A 251 25.29 -2.54 -19.87
N ASP A 252 26.60 -2.39 -20.02
CA ASP A 252 27.15 -1.64 -21.14
C ASP A 252 27.25 -2.46 -22.43
N GLY A 253 26.87 -3.73 -22.36
CA GLY A 253 26.91 -4.59 -23.53
C GLY A 253 28.27 -5.21 -23.79
N LYS A 254 29.21 -4.97 -22.88
CA LYS A 254 30.58 -5.48 -23.06
C LYS A 254 30.93 -6.57 -22.04
N LEU A 255 31.98 -7.33 -22.32
CA LEU A 255 32.39 -8.41 -21.42
C LEU A 255 33.38 -7.92 -20.36
#